data_5O4S
#
_entry.id   5O4S
#
_cell.length_a   48.700
_cell.length_b   62.690
_cell.length_c   48.820
_cell.angle_alpha   90.00
_cell.angle_beta   101.81
_cell.angle_gamma   90.00
#
_symmetry.space_group_name_H-M   'P 1 21 1'
#
loop_
_entity.id
_entity.type
_entity.pdbx_description
1 polymer Peregrin
2 non-polymer ~{N}-[1,4-dimethyl-7-morpholin-4-yl-2,3-bis(oxidanylidene)quinoxalin-6-yl]-5,6,7,8-tetrahydronaphthalene-2-sulfonamide
3 non-polymer 'NITRATE ION'
4 water water
#
_entity_poly.entity_id   1
_entity_poly.type   'polypeptide(L)'
_entity_poly.pdbx_seq_one_letter_code
;SMEMQLTPFLILLRKTLEQLQEKDTGNIFSEPVPLSEVPDYLDHIKKPMDFFTMKQNLEAYRYLNFDDFEEDFNLIVSNC
LKYNAKDTIFYRAAVRLREQGGAVLRQARRQAEKMG
;
_entity_poly.pdbx_strand_id   A,B
#
# COMPACT_ATOMS: atom_id res chain seq x y z
N MET A 4 29.17 -8.15 3.27
CA MET A 4 28.16 -7.47 2.47
C MET A 4 28.42 -7.65 0.96
N GLN A 5 27.51 -8.33 0.27
CA GLN A 5 27.65 -8.59 -1.16
C GLN A 5 27.11 -7.42 -1.97
N LEU A 6 27.82 -7.04 -3.03
CA LEU A 6 27.46 -5.87 -3.83
C LEU A 6 26.97 -6.28 -5.22
N THR A 7 25.71 -5.99 -5.49
CA THR A 7 25.09 -6.04 -6.80
C THR A 7 24.30 -4.76 -6.98
N PRO A 8 24.01 -4.36 -8.22
CA PRO A 8 23.20 -3.16 -8.42
C PRO A 8 21.86 -3.21 -7.70
N PHE A 9 21.23 -4.38 -7.68
CA PHE A 9 19.93 -4.51 -6.99
C PHE A 9 20.07 -4.29 -5.50
N LEU A 10 21.08 -4.92 -4.87
CA LEU A 10 21.26 -4.75 -3.43
C LEU A 10 21.63 -3.32 -3.09
N ILE A 11 22.40 -2.65 -3.96
CA ILE A 11 22.76 -1.26 -3.69
C ILE A 11 21.51 -0.39 -3.77
N LEU A 12 20.63 -0.68 -4.73
CA LEU A 12 19.39 0.08 -4.84
C LEU A 12 18.50 -0.14 -3.62
N LEU A 13 18.43 -1.38 -3.11
CA LEU A 13 17.62 -1.61 -1.90
C LEU A 13 18.23 -0.89 -0.71
N ARG A 14 19.56 -0.89 -0.60
CA ARG A 14 20.20 -0.14 0.48
C ARG A 14 19.86 1.35 0.41
N LYS A 15 19.90 1.90 -0.80
CA LYS A 15 19.60 3.32 -0.96
C LYS A 15 18.15 3.61 -0.66
N THR A 16 17.25 2.73 -1.13
CA THR A 16 15.82 2.90 -0.90
C THR A 16 15.47 2.81 0.57
N LEU A 17 16.07 1.84 1.27
CA LEU A 17 15.82 1.73 2.71
C LEU A 17 16.24 3.00 3.43
N GLU A 18 17.38 3.59 3.02
CA GLU A 18 17.80 4.84 3.64
C GLU A 18 16.82 5.96 3.35
N GLN A 19 16.29 6.02 2.14
CA GLN A 19 15.31 7.05 1.81
C GLN A 19 14.02 6.87 2.60
N LEU A 20 13.60 5.63 2.82
CA LEU A 20 12.41 5.39 3.65
C LEU A 20 12.67 5.79 5.10
N GLN A 21 13.84 5.42 5.66
CA GLN A 21 14.09 5.80 7.04
C GLN A 21 14.19 7.31 7.21
N GLU A 22 14.61 8.02 6.16
CA GLU A 22 14.69 9.48 6.23
C GLU A 22 13.31 10.10 6.40
N LYS A 23 12.26 9.44 5.91
CA LYS A 23 10.91 9.93 6.08
C LYS A 23 10.40 9.74 7.50
N ASP A 24 10.97 8.80 8.24
CA ASP A 24 10.60 8.52 9.63
C ASP A 24 11.47 9.40 10.53
N THR A 25 11.12 10.69 10.57
CA THR A 25 11.98 11.67 11.23
C THR A 25 11.99 11.52 12.74
N GLY A 26 10.98 10.87 13.31
CA GLY A 26 10.98 10.58 14.74
C GLY A 26 11.67 9.28 15.12
N ASN A 27 12.13 8.51 14.13
CA ASN A 27 12.73 7.20 14.34
C ASN A 27 11.81 6.25 15.10
N ILE A 28 10.49 6.41 14.93
CA ILE A 28 9.62 5.55 15.70
C ILE A 28 9.47 4.16 15.09
N PHE A 29 9.88 3.99 13.83
CA PHE A 29 9.86 2.69 13.16
C PHE A 29 11.26 2.11 12.99
N SER A 30 12.26 2.68 13.66
N SER A 30 12.27 2.69 13.65
CA SER A 30 13.65 2.28 13.43
CA SER A 30 13.65 2.27 13.45
C SER A 30 13.99 0.93 14.07
C SER A 30 13.91 0.87 13.99
N GLU A 31 13.28 0.52 15.11
CA GLU A 31 13.55 -0.72 15.80
C GLU A 31 12.24 -1.44 16.10
N PRO A 32 12.29 -2.73 16.41
CA PRO A 32 11.06 -3.47 16.72
C PRO A 32 10.27 -2.76 17.81
N VAL A 33 8.96 -2.75 17.66
CA VAL A 33 8.04 -2.27 18.70
C VAL A 33 8.42 -2.99 19.98
N PRO A 34 8.69 -2.25 21.07
CA PRO A 34 9.25 -2.87 22.29
C PRO A 34 8.20 -3.65 23.07
N LEU A 35 8.28 -4.98 23.01
CA LEU A 35 7.25 -5.81 23.61
C LEU A 35 7.20 -5.66 25.13
N SER A 36 8.30 -5.24 25.75
CA SER A 36 8.26 -4.95 27.19
C SER A 36 7.26 -3.84 27.48
N GLU A 37 7.31 -2.76 26.70
CA GLU A 37 6.35 -1.66 26.87
C GLU A 37 4.95 -2.05 26.43
N VAL A 38 4.83 -3.03 25.53
CA VAL A 38 3.56 -3.36 24.89
C VAL A 38 3.30 -4.86 24.99
N PRO A 39 2.97 -5.39 26.18
CA PRO A 39 2.90 -6.85 26.34
C PRO A 39 1.86 -7.54 25.46
N ASP A 40 0.82 -6.85 25.02
CA ASP A 40 -0.21 -7.50 24.21
C ASP A 40 0.03 -7.38 22.72
N TYR A 41 1.17 -6.81 22.31
CA TYR A 41 1.35 -6.47 20.90
C TYR A 41 1.24 -7.70 20.01
N LEU A 42 1.89 -8.81 20.41
CA LEU A 42 1.86 -10.01 19.59
C LEU A 42 0.50 -10.71 19.59
N ASP A 43 -0.40 -10.34 20.50
CA ASP A 43 -1.75 -10.89 20.44
C ASP A 43 -2.44 -10.48 19.13
N HIS A 44 -2.16 -9.27 18.66
CA HIS A 44 -2.87 -8.70 17.51
C HIS A 44 -2.04 -8.68 16.24
N ILE A 45 -0.72 -8.65 16.36
CA ILE A 45 0.18 -8.45 15.21
C ILE A 45 0.91 -9.76 14.95
N LYS A 46 0.66 -10.34 13.76
CA LYS A 46 1.20 -11.66 13.44
C LYS A 46 2.66 -11.59 13.01
N LYS A 47 3.05 -10.55 12.27
CA LYS A 47 4.41 -10.42 11.77
C LYS A 47 4.91 -9.01 12.01
N PRO A 48 5.49 -8.75 13.19
CA PRO A 48 6.08 -7.43 13.45
C PRO A 48 7.14 -7.10 12.41
N MET A 49 7.30 -5.80 12.16
CA MET A 49 8.34 -5.35 11.22
C MET A 49 8.81 -3.96 11.61
N ASP A 50 10.06 -3.67 11.28
CA ASP A 50 10.69 -2.39 11.56
C ASP A 50 11.85 -2.24 10.58
N PHE A 51 12.45 -1.05 10.55
CA PHE A 51 13.51 -0.79 9.58
C PHE A 51 14.80 -1.53 9.92
N PHE A 52 15.07 -1.78 11.19
CA PHE A 52 16.28 -2.53 11.53
C PHE A 52 16.17 -3.97 11.06
N THR A 53 15.02 -4.61 11.31
CA THR A 53 14.80 -5.96 10.80
C THR A 53 14.95 -6.00 9.29
N MET A 54 14.42 -4.99 8.59
CA MET A 54 14.58 -4.93 7.14
C MET A 54 16.06 -4.85 6.75
N LYS A 55 16.82 -4.01 7.46
CA LYS A 55 18.24 -3.88 7.15
C LYS A 55 18.98 -5.20 7.35
N GLN A 56 18.62 -5.94 8.40
CA GLN A 56 19.26 -7.22 8.64
C GLN A 56 18.89 -8.24 7.57
N ASN A 57 17.61 -8.24 7.17
CA ASN A 57 17.17 -9.06 6.03
C ASN A 57 17.97 -8.71 4.79
N LEU A 58 18.13 -7.41 4.53
CA LEU A 58 18.84 -6.95 3.34
C LEU A 58 20.29 -7.38 3.37
N GLU A 59 20.98 -7.13 4.50
CA GLU A 59 22.40 -7.43 4.60
C GLU A 59 22.69 -8.93 4.58
N ALA A 60 21.72 -9.75 4.99
CA ALA A 60 21.85 -11.20 4.88
C ALA A 60 21.48 -11.73 3.50
N TYR A 61 21.18 -10.83 2.56
CA TYR A 61 20.80 -11.21 1.20
C TYR A 61 19.56 -12.10 1.20
N ARG A 62 18.53 -11.66 1.93
CA ARG A 62 17.28 -12.39 1.98
C ARG A 62 16.16 -11.74 1.17
N TYR A 63 16.34 -10.50 0.71
CA TYR A 63 15.43 -9.89 -0.25
C TYR A 63 15.95 -10.20 -1.64
N LEU A 64 15.25 -11.06 -2.35
CA LEU A 64 15.67 -11.48 -3.68
C LEU A 64 14.96 -10.72 -4.79
N ASN A 65 13.88 -10.02 -4.48
CA ASN A 65 13.14 -9.26 -5.46
C ASN A 65 12.58 -8.03 -4.77
N PHE A 66 12.19 -7.04 -5.58
CA PHE A 66 11.71 -5.79 -5.00
C PHE A 66 10.40 -5.99 -4.26
N ASP A 67 9.57 -6.93 -4.73
CA ASP A 67 8.27 -7.19 -4.13
C ASP A 67 8.39 -7.58 -2.68
N ASP A 68 9.35 -8.45 -2.37
CA ASP A 68 9.48 -8.93 -1.00
C ASP A 68 9.92 -7.81 -0.08
N PHE A 69 10.80 -6.92 -0.57
CA PHE A 69 11.23 -5.76 0.20
C PHE A 69 10.06 -4.81 0.46
N GLU A 70 9.30 -4.48 -0.59
CA GLU A 70 8.18 -3.57 -0.41
C GLU A 70 7.11 -4.19 0.50
N GLU A 71 6.98 -5.52 0.48
CA GLU A 71 5.97 -6.15 1.36
C GLU A 71 6.31 -5.94 2.83
N ASP A 72 7.61 -5.96 3.17
CA ASP A 72 7.97 -5.74 4.56
C ASP A 72 7.80 -4.28 4.95
N PHE A 73 8.09 -3.34 4.03
CA PHE A 73 7.80 -1.94 4.33
C PHE A 73 6.30 -1.76 4.59
N ASN A 74 5.46 -2.34 3.73
CA ASN A 74 4.02 -2.21 3.92
C ASN A 74 3.57 -2.77 5.27
N LEU A 75 4.26 -3.79 5.79
CA LEU A 75 3.94 -4.31 7.12
C LEU A 75 4.23 -3.29 8.21
N ILE A 76 5.33 -2.53 8.09
CA ILE A 76 5.59 -1.50 9.10
C ILE A 76 4.37 -0.60 9.23
N VAL A 77 3.85 -0.15 8.09
CA VAL A 77 2.70 0.75 8.06
C VAL A 77 1.45 0.04 8.55
N SER A 78 1.12 -1.12 7.93
CA SER A 78 -0.17 -1.74 8.23
C SER A 78 -0.23 -2.26 9.66
N ASN A 79 0.89 -2.76 10.21
CA ASN A 79 0.90 -3.16 11.61
C ASN A 79 0.57 -1.98 12.51
N CYS A 80 1.14 -0.82 12.19
CA CYS A 80 0.92 0.38 13.00
C CYS A 80 -0.52 0.85 12.94
N LEU A 81 -1.09 0.93 11.73
CA LEU A 81 -2.49 1.32 11.62
C LEU A 81 -3.40 0.33 12.34
N LYS A 82 -3.05 -0.95 12.34
CA LYS A 82 -3.92 -1.95 12.95
C LYS A 82 -3.91 -1.84 14.47
N TYR A 83 -2.72 -1.72 15.06
CA TYR A 83 -2.61 -1.77 16.51
C TYR A 83 -3.09 -0.49 17.19
N ASN A 84 -2.86 0.67 16.55
CA ASN A 84 -3.03 1.95 17.22
C ASN A 84 -4.36 2.61 16.87
N ALA A 85 -4.92 3.35 17.83
CA ALA A 85 -6.12 4.10 17.53
C ALA A 85 -5.81 5.24 16.56
N LYS A 86 -6.85 5.69 15.83
CA LYS A 86 -6.65 6.71 14.81
C LYS A 86 -6.09 8.00 15.39
N ASP A 87 -6.56 8.40 16.57
CA ASP A 87 -6.12 9.65 17.18
C ASP A 87 -4.89 9.42 18.05
N THR A 88 -3.82 8.96 17.41
CA THR A 88 -2.56 8.73 18.10
C THR A 88 -1.42 9.25 17.22
N ILE A 89 -0.34 9.65 17.89
CA ILE A 89 0.85 10.04 17.14
C ILE A 89 1.31 8.93 16.22
N PHE A 90 1.27 7.68 16.69
CA PHE A 90 1.78 6.58 15.86
C PHE A 90 0.93 6.39 14.60
N TYR A 91 -0.40 6.42 14.74
CA TYR A 91 -1.26 6.21 13.57
C TYR A 91 -1.06 7.33 12.55
N ARG A 92 -1.01 8.59 13.02
CA ARG A 92 -0.78 9.68 12.08
C ARG A 92 0.57 9.55 11.40
N ALA A 93 1.57 9.06 12.14
CA ALA A 93 2.90 8.88 11.56
C ALA A 93 2.91 7.78 10.50
N ALA A 94 2.17 6.70 10.75
CA ALA A 94 2.09 5.63 9.75
C ALA A 94 1.42 6.11 8.47
N VAL A 95 0.35 6.91 8.62
CA VAL A 95 -0.31 7.46 7.43
C VAL A 95 0.66 8.32 6.63
N ARG A 96 1.42 9.16 7.33
CA ARG A 96 2.40 10.01 6.66
C ARG A 96 3.49 9.17 6.01
N LEU A 97 3.96 8.13 6.71
CA LEU A 97 4.97 7.26 6.12
C LEU A 97 4.43 6.54 4.89
N ARG A 98 3.17 6.16 4.94
CA ARG A 98 2.58 5.50 3.79
C ARG A 98 2.59 6.42 2.57
N GLU A 99 2.25 7.69 2.77
CA GLU A 99 2.22 8.65 1.66
C GLU A 99 3.63 8.98 1.18
N GLN A 100 4.51 9.39 2.08
CA GLN A 100 5.85 9.80 1.66
C GLN A 100 6.66 8.60 1.20
N GLY A 101 6.49 7.45 1.84
CA GLY A 101 7.23 6.26 1.44
C GLY A 101 6.74 5.66 0.14
N GLY A 102 5.47 5.87 -0.20
CA GLY A 102 4.96 5.40 -1.49
C GLY A 102 5.66 6.04 -2.66
N ALA A 103 5.91 7.35 -2.59
CA ALA A 103 6.61 8.02 -3.68
C ALA A 103 8.04 7.54 -3.80
N VAL A 104 8.71 7.29 -2.67
CA VAL A 104 10.06 6.72 -2.69
C VAL A 104 10.04 5.36 -3.39
N LEU A 105 9.08 4.51 -3.03
CA LEU A 105 9.03 3.16 -3.60
C LEU A 105 8.69 3.19 -5.07
N ARG A 106 7.81 4.10 -5.50
CA ARG A 106 7.46 4.16 -6.92
C ARG A 106 8.70 4.40 -7.78
N GLN A 107 9.50 5.39 -7.41
CA GLN A 107 10.69 5.70 -8.18
C GLN A 107 11.72 4.56 -8.10
N ALA A 108 11.86 3.95 -6.91
CA ALA A 108 12.82 2.87 -6.77
C ALA A 108 12.37 1.63 -7.55
N ARG A 109 11.07 1.33 -7.53
CA ARG A 109 10.61 0.16 -8.27
C ARG A 109 10.87 0.33 -9.76
N ARG A 110 10.66 1.54 -10.27
CA ARG A 110 10.94 1.76 -11.70
C ARG A 110 12.40 1.49 -12.02
N GLN A 111 13.31 1.83 -11.11
CA GLN A 111 14.71 1.57 -11.35
C GLN A 111 15.05 0.08 -11.23
N ALA A 112 14.34 -0.64 -10.36
CA ALA A 112 14.54 -2.07 -10.22
C ALA A 112 14.06 -2.83 -11.44
N GLU A 113 12.97 -2.36 -12.06
CA GLU A 113 12.42 -3.07 -13.21
C GLU A 113 13.39 -3.06 -14.38
N LYS A 114 14.26 -2.04 -14.45
CA LYS A 114 15.29 -1.93 -15.46
C LYS A 114 16.56 -2.70 -15.12
N MET A 115 16.49 -3.66 -14.20
CA MET A 115 17.65 -4.47 -13.87
C MET A 115 17.47 -5.90 -14.40
N GLN B 5 -7.91 0.24 -30.74
CA GLN B 5 -7.22 -1.05 -30.81
C GLN B 5 -6.81 -1.55 -29.43
N LEU B 6 -7.08 -2.82 -29.16
CA LEU B 6 -6.71 -3.42 -27.89
C LEU B 6 -5.19 -3.53 -27.79
N THR B 7 -4.68 -3.42 -26.56
CA THR B 7 -3.28 -3.70 -26.33
C THR B 7 -3.17 -4.73 -25.20
N PRO B 8 -2.10 -5.51 -25.18
CA PRO B 8 -1.94 -6.49 -24.09
C PRO B 8 -1.97 -5.83 -22.72
N PHE B 9 -1.36 -4.64 -22.59
CA PHE B 9 -1.38 -3.95 -21.30
C PHE B 9 -2.79 -3.59 -20.88
N LEU B 10 -3.60 -3.07 -21.80
CA LEU B 10 -4.95 -2.66 -21.39
C LEU B 10 -5.81 -3.87 -21.06
N ILE B 11 -5.60 -4.98 -21.77
CA ILE B 11 -6.33 -6.20 -21.46
C ILE B 11 -5.96 -6.70 -20.07
N LEU B 12 -4.67 -6.60 -19.73
CA LEU B 12 -4.22 -6.98 -18.40
C LEU B 12 -4.85 -6.10 -17.33
N LEU B 13 -4.96 -4.80 -17.59
CA LEU B 13 -5.62 -3.92 -16.61
C LEU B 13 -7.09 -4.28 -16.46
N ARG B 14 -7.77 -4.59 -17.58
CA ARG B 14 -9.19 -4.96 -17.49
C ARG B 14 -9.35 -6.21 -16.63
N LYS B 15 -8.50 -7.20 -16.81
CA LYS B 15 -8.58 -8.42 -16.02
C LYS B 15 -8.30 -8.14 -14.55
N THR B 16 -7.24 -7.35 -14.29
CA THR B 16 -6.87 -7.00 -12.91
C THR B 16 -8.01 -6.25 -12.21
N LEU B 17 -8.62 -5.30 -12.91
CA LEU B 17 -9.74 -4.58 -12.31
C LEU B 17 -10.88 -5.53 -11.96
N GLU B 18 -11.18 -6.49 -12.85
CA GLU B 18 -12.20 -7.47 -12.53
C GLU B 18 -11.82 -8.31 -11.32
N GLN B 19 -10.53 -8.66 -11.20
CA GLN B 19 -10.11 -9.44 -10.06
C GLN B 19 -10.21 -8.63 -8.76
N LEU B 20 -9.90 -7.33 -8.82
CA LEU B 20 -10.04 -6.50 -7.63
C LEU B 20 -11.49 -6.34 -7.22
N GLN B 21 -12.38 -6.12 -8.20
CA GLN B 21 -13.80 -6.00 -7.86
C GLN B 21 -14.35 -7.31 -7.29
N GLU B 22 -13.82 -8.46 -7.73
CA GLU B 22 -14.25 -9.74 -7.17
C GLU B 22 -14.04 -9.81 -5.67
N LYS B 23 -12.99 -9.15 -5.17
CA LYS B 23 -12.72 -9.14 -3.74
C LYS B 23 -13.70 -8.27 -2.96
N ASP B 24 -14.42 -7.38 -3.65
CA ASP B 24 -15.39 -6.48 -3.01
C ASP B 24 -16.77 -7.14 -3.08
N THR B 25 -16.91 -8.22 -2.29
CA THR B 25 -18.10 -9.05 -2.37
C THR B 25 -19.36 -8.29 -2.02
N GLY B 26 -19.25 -7.25 -1.18
CA GLY B 26 -20.42 -6.44 -0.87
C GLY B 26 -20.70 -5.33 -1.87
N ASN B 27 -19.85 -5.16 -2.88
CA ASN B 27 -19.96 -4.07 -3.85
C ASN B 27 -19.95 -2.71 -3.16
N ILE B 28 -19.21 -2.63 -2.05
CA ILE B 28 -19.13 -1.39 -1.29
C ILE B 28 -18.39 -0.32 -2.07
N PHE B 29 -17.45 -0.72 -2.91
CA PHE B 29 -16.55 0.22 -3.58
C PHE B 29 -16.82 0.31 -5.08
N SER B 30 -17.93 -0.26 -5.54
CA SER B 30 -18.24 -0.35 -6.97
C SER B 30 -18.54 1.02 -7.59
N GLU B 31 -19.11 1.94 -6.83
CA GLU B 31 -19.58 3.22 -7.32
C GLU B 31 -19.14 4.31 -6.36
N PRO B 32 -19.11 5.57 -6.80
CA PRO B 32 -18.61 6.64 -5.93
C PRO B 32 -19.39 6.70 -4.63
N VAL B 33 -18.68 7.05 -3.55
CA VAL B 33 -19.35 7.28 -2.27
C VAL B 33 -20.45 8.32 -2.52
N PRO B 34 -21.71 8.04 -2.13
CA PRO B 34 -22.82 8.93 -2.50
C PRO B 34 -22.81 10.22 -1.71
N LEU B 35 -22.57 11.35 -2.38
CA LEU B 35 -22.39 12.61 -1.67
C LEU B 35 -23.70 13.11 -1.05
N SER B 36 -24.84 12.70 -1.59
CA SER B 36 -26.11 13.05 -0.97
C SER B 36 -26.22 12.44 0.42
N GLU B 37 -25.80 11.17 0.58
CA GLU B 37 -25.85 10.53 1.88
C GLU B 37 -24.74 11.03 2.81
N VAL B 38 -23.64 11.50 2.24
CA VAL B 38 -22.44 11.86 3.01
C VAL B 38 -22.01 13.27 2.64
N PRO B 39 -22.75 14.31 3.04
CA PRO B 39 -22.50 15.65 2.45
C PRO B 39 -21.16 16.26 2.83
N ASP B 40 -20.50 15.79 3.90
CA ASP B 40 -19.22 16.35 4.29
C ASP B 40 -18.04 15.57 3.74
N TYR B 41 -18.28 14.62 2.83
CA TYR B 41 -17.23 13.71 2.39
C TYR B 41 -16.09 14.46 1.70
N LEU B 42 -16.44 15.44 0.84
CA LEU B 42 -15.42 16.23 0.15
C LEU B 42 -14.71 17.20 1.07
N ASP B 43 -15.27 17.49 2.25
CA ASP B 43 -14.53 18.31 3.20
C ASP B 43 -13.26 17.59 3.66
N HIS B 44 -13.24 16.26 3.60
CA HIS B 44 -12.14 15.45 4.10
C HIS B 44 -11.34 14.75 3.00
N ILE B 45 -11.98 14.42 1.89
CA ILE B 45 -11.40 13.56 0.87
C ILE B 45 -11.13 14.39 -0.37
N LYS B 46 -9.85 14.52 -0.72
CA LYS B 46 -9.46 15.37 -1.84
C LYS B 46 -9.87 14.75 -3.17
N LYS B 47 -9.62 13.45 -3.34
CA LYS B 47 -9.83 12.77 -4.62
C LYS B 47 -10.58 11.47 -4.40
N PRO B 48 -11.92 11.52 -4.47
CA PRO B 48 -12.72 10.30 -4.33
C PRO B 48 -12.38 9.30 -5.43
N MET B 49 -12.53 8.02 -5.09
CA MET B 49 -12.24 6.96 -6.05
C MET B 49 -13.11 5.75 -5.76
N ASP B 50 -13.38 4.97 -6.81
CA ASP B 50 -14.24 3.80 -6.76
C ASP B 50 -13.97 3.01 -8.03
N PHE B 51 -14.44 1.77 -8.07
CA PHE B 51 -14.11 0.91 -9.21
C PHE B 51 -14.76 1.37 -10.51
N PHE B 52 -15.93 2.01 -10.44
CA PHE B 52 -16.54 2.50 -11.69
C PHE B 52 -15.71 3.62 -12.29
N THR B 53 -15.26 4.56 -11.45
CA THR B 53 -14.36 5.61 -11.91
C THR B 53 -13.10 5.01 -12.53
N MET B 54 -12.52 3.98 -11.90
CA MET B 54 -11.33 3.36 -12.49
C MET B 54 -11.64 2.76 -13.85
N LYS B 55 -12.82 2.14 -13.99
CA LYS B 55 -13.20 1.55 -15.27
C LYS B 55 -13.35 2.64 -16.33
N GLN B 56 -13.98 3.76 -15.98
CA GLN B 56 -14.10 4.88 -16.91
C GLN B 56 -12.74 5.43 -17.31
N ASN B 57 -11.82 5.57 -16.35
CA ASN B 57 -10.47 6.01 -16.67
C ASN B 57 -9.79 5.02 -17.60
N LEU B 58 -9.97 3.72 -17.36
CA LEU B 58 -9.31 2.71 -18.17
C LEU B 58 -9.79 2.79 -19.61
N GLU B 59 -11.11 2.86 -19.79
CA GLU B 59 -11.68 2.90 -21.13
C GLU B 59 -11.41 4.21 -21.84
N ALA B 60 -11.07 5.27 -21.10
CA ALA B 60 -10.70 6.53 -21.71
C ALA B 60 -9.21 6.66 -21.94
N TYR B 61 -8.47 5.55 -21.78
CA TYR B 61 -7.01 5.51 -21.99
C TYR B 61 -6.27 6.43 -21.03
N ARG B 62 -6.80 6.62 -19.83
CA ARG B 62 -6.11 7.44 -18.85
C ARG B 62 -5.11 6.65 -18.00
N TYR B 63 -5.03 5.33 -18.16
CA TYR B 63 -3.99 4.53 -17.50
C TYR B 63 -3.08 3.97 -18.57
N LEU B 64 -1.87 4.50 -18.67
CA LEU B 64 -0.89 3.99 -19.61
C LEU B 64 0.29 3.33 -18.94
N ASN B 65 0.32 3.29 -17.61
CA ASN B 65 1.33 2.54 -16.87
C ASN B 65 0.67 1.95 -15.65
N PHE B 66 1.30 0.91 -15.09
CA PHE B 66 0.66 0.20 -13.99
C PHE B 66 0.61 1.04 -12.73
N ASP B 67 1.60 1.92 -12.53
CA ASP B 67 1.63 2.74 -11.31
C ASP B 67 0.38 3.60 -11.17
N ASP B 68 -0.06 4.22 -12.27
CA ASP B 68 -1.21 5.11 -12.18
C ASP B 68 -2.49 4.35 -11.85
N PHE B 69 -2.61 3.14 -12.39
CA PHE B 69 -3.73 2.24 -12.06
C PHE B 69 -3.68 1.83 -10.59
N GLU B 70 -2.52 1.36 -10.14
CA GLU B 70 -2.41 0.92 -8.76
C GLU B 70 -2.62 2.07 -7.79
N GLU B 71 -2.19 3.29 -8.15
CA GLU B 71 -2.38 4.39 -7.21
C GLU B 71 -3.85 4.74 -7.02
N ASP B 72 -4.68 4.56 -8.05
CA ASP B 72 -6.10 4.81 -7.85
C ASP B 72 -6.75 3.73 -7.01
N PHE B 73 -6.34 2.47 -7.20
CA PHE B 73 -6.86 1.43 -6.30
C PHE B 73 -6.49 1.74 -4.86
N ASN B 74 -5.24 2.16 -4.63
CA ASN B 74 -4.82 2.49 -3.26
C ASN B 74 -5.65 3.62 -2.66
N LEU B 75 -6.16 4.53 -3.51
CA LEU B 75 -7.03 5.58 -3.02
C LEU B 75 -8.37 5.05 -2.55
N ILE B 76 -8.92 4.03 -3.23
CA ILE B 76 -10.18 3.44 -2.76
C ILE B 76 -10.02 3.02 -1.31
N VAL B 77 -8.91 2.36 -1.00
CA VAL B 77 -8.64 1.89 0.35
C VAL B 77 -8.34 3.07 1.28
N SER B 78 -7.39 3.93 0.88
CA SER B 78 -6.95 4.96 1.82
C SER B 78 -8.01 6.02 2.08
N ASN B 79 -8.84 6.37 1.09
CA ASN B 79 -9.95 7.30 1.35
C ASN B 79 -10.90 6.71 2.38
N CYS B 80 -11.16 5.41 2.27
CA CYS B 80 -12.07 4.75 3.19
C CYS B 80 -11.52 4.71 4.60
N LEU B 81 -10.24 4.34 4.76
CA LEU B 81 -9.65 4.32 6.09
C LEU B 81 -9.61 5.71 6.70
N LYS B 82 -9.43 6.74 5.87
CA LYS B 82 -9.33 8.10 6.39
C LYS B 82 -10.69 8.60 6.88
N TYR B 83 -11.73 8.39 6.08
CA TYR B 83 -13.03 8.98 6.42
C TYR B 83 -13.73 8.24 7.56
N ASN B 84 -13.56 6.93 7.66
CA ASN B 84 -14.39 6.12 8.54
C ASN B 84 -13.67 5.76 9.84
N ALA B 85 -14.44 5.70 10.93
CA ALA B 85 -13.85 5.19 12.17
C ALA B 85 -13.49 3.71 12.02
N LYS B 86 -12.58 3.26 12.87
CA LYS B 86 -12.08 1.88 12.77
C LYS B 86 -13.19 0.87 12.99
N ASP B 87 -14.11 1.15 13.90
CA ASP B 87 -15.22 0.25 14.22
C ASP B 87 -16.40 0.51 13.28
N THR B 88 -16.18 0.28 11.98
CA THR B 88 -17.23 0.43 11.01
C THR B 88 -17.12 -0.67 9.97
N ILE B 89 -18.25 -0.97 9.33
N ILE B 89 -18.24 -1.00 9.34
CA ILE B 89 -18.27 -1.95 8.24
CA ILE B 89 -18.21 -1.96 8.24
C ILE B 89 -17.34 -1.51 7.11
C ILE B 89 -17.25 -1.49 7.16
N PHE B 90 -17.29 -0.21 6.84
CA PHE B 90 -16.48 0.30 5.74
C PHE B 90 -14.99 0.15 6.01
N TYR B 91 -14.55 0.57 7.21
CA TYR B 91 -13.12 0.44 7.54
C TYR B 91 -12.68 -1.02 7.50
N ARG B 92 -13.46 -1.92 8.11
CA ARG B 92 -13.07 -3.33 8.10
C ARG B 92 -13.02 -3.88 6.68
N ALA B 93 -13.93 -3.43 5.82
CA ALA B 93 -13.94 -3.90 4.44
C ALA B 93 -12.76 -3.34 3.66
N ALA B 94 -12.37 -2.09 3.93
CA ALA B 94 -11.21 -1.54 3.24
C ALA B 94 -9.93 -2.24 3.66
N VAL B 95 -9.83 -2.65 4.94
CA VAL B 95 -8.65 -3.39 5.36
C VAL B 95 -8.59 -4.73 4.65
N ARG B 96 -9.72 -5.43 4.55
CA ARG B 96 -9.73 -6.70 3.83
C ARG B 96 -9.41 -6.51 2.35
N LEU B 97 -9.92 -5.42 1.74
CA LEU B 97 -9.64 -5.18 0.34
C LEU B 97 -8.15 -4.88 0.11
N ARG B 98 -7.53 -4.16 1.05
CA ARG B 98 -6.09 -3.92 0.95
C ARG B 98 -5.33 -5.22 0.96
N GLU B 99 -5.71 -6.14 1.84
CA GLU B 99 -4.97 -7.40 1.98
C GLU B 99 -5.17 -8.26 0.74
N GLN B 100 -6.43 -8.48 0.36
CA GLN B 100 -6.72 -9.35 -0.78
C GLN B 100 -6.35 -8.71 -2.10
N GLY B 101 -6.49 -7.39 -2.20
CA GLY B 101 -6.15 -6.70 -3.44
C GLY B 101 -4.65 -6.60 -3.67
N GLY B 102 -3.86 -6.51 -2.60
CA GLY B 102 -2.42 -6.49 -2.75
C GLY B 102 -1.88 -7.75 -3.42
N ALA B 103 -2.47 -8.90 -3.13
CA ALA B 103 -2.03 -10.14 -3.77
C ALA B 103 -2.34 -10.10 -5.26
N VAL B 104 -3.50 -9.58 -5.63
CA VAL B 104 -3.88 -9.46 -7.04
C VAL B 104 -2.89 -8.55 -7.78
N LEU B 105 -2.55 -7.41 -7.17
CA LEU B 105 -1.71 -6.43 -7.84
C LEU B 105 -0.27 -6.91 -7.95
N ARG B 106 0.21 -7.65 -6.95
CA ARG B 106 1.56 -8.20 -7.04
C ARG B 106 1.71 -9.09 -8.26
N GLN B 107 0.76 -10.01 -8.47
CA GLN B 107 0.84 -10.91 -9.61
C GLN B 107 0.65 -10.14 -10.91
N ALA B 108 -0.28 -9.19 -10.95
CA ALA B 108 -0.52 -8.45 -12.19
C ALA B 108 0.67 -7.56 -12.54
N ARG B 109 1.27 -6.91 -11.55
CA ARG B 109 2.43 -6.08 -11.86
C ARG B 109 3.56 -6.92 -12.44
N ARG B 110 3.73 -8.14 -11.93
CA ARG B 110 4.76 -9.01 -12.49
C ARG B 110 4.51 -9.30 -13.97
N GLN B 111 3.24 -9.48 -14.35
CA GLN B 111 2.92 -9.70 -15.75
C GLN B 111 3.08 -8.43 -16.58
N ALA B 112 2.83 -7.27 -15.98
CA ALA B 112 2.98 -6.03 -16.74
C ALA B 112 4.45 -5.74 -17.03
N GLU B 113 5.33 -6.04 -16.06
CA GLU B 113 6.76 -5.78 -16.24
C GLU B 113 7.34 -6.57 -17.41
N LYS B 114 6.73 -7.69 -17.78
CA LYS B 114 7.18 -8.48 -18.92
C LYS B 114 6.76 -7.89 -20.27
N MET B 115 5.85 -6.93 -20.29
CA MET B 115 5.37 -6.37 -21.56
C MET B 115 6.30 -5.27 -22.06
#